data_3QNZ
#
_entry.id   3QNZ
#
_cell.length_a   53.370
_cell.length_b   66.450
_cell.length_c   137.680
_cell.angle_alpha   90.000
_cell.angle_beta   90.000
_cell.angle_gamma   90.000
#
_symmetry.space_group_name_H-M   'P 21 21 21'
#
loop_
_entity.id
_entity.type
_entity.pdbx_description
1 polymer 'Fab fragment of IMMUNOGLOBULIN G1 LIGHT CHAIN'
2 polymer 'Fab fragment of IMMUNOGLOBULIN G1 HEAVY CHAIN'
3 polymer 'peptide from Tubulin beta chain'
4 non-polymer GLYCEROL
5 water water
#
loop_
_entity_poly.entity_id
_entity_poly.type
_entity_poly.pdbx_seq_one_letter_code
_entity_poly.pdbx_strand_id
1 'polypeptide(L)'
;DIVMTQSPLSLSVTPGEPASISCRSSQSLLRRDGHNDLEWYLQKPGQSPQPLIYLGSTRASGVPDRFSGSGSGTDFTLKI
IRVEAEDAGTYYCMQNKQTPLTFGQGTRLEIKRTVAAPSVFIFPPSDEQLKSGTASVVCLLNNFYPREAKVQWKVDNALQ
SGNSQESVTEQDSKDSTYSLSSTLTLSKADYEKHKVYACEVTHQGLSSPVTKSFNRGEC
;
A
2 'polypeptide(L)'
;EVQLVESGGGLVQPGGSLKLSCAASGFTLSGSNVHWVRQASGKGLEWVGRIKRNAESDATAYAASMRGRLTISRDDSKNT
AFLQMNSLKSDDTAMYYCVIRGDVYNRQWGQGTLVTVSSASTKGPSVFPLAPSSKSTSGGTAALGCLVKDYFPEPVTVSW
NSGALTSGVHTFPAVLQSSGLYSLSSVVTVPSSSLGTQTYICNVNHKPSNTKVDKRVEPK
;
B
3 'polypeptide(L)' TAEEEEDFGE C
#
# COMPACT_ATOMS: atom_id res chain seq x y z
N ASP A 1 -26.95 7.53 -9.39
CA ASP A 1 -25.54 7.37 -9.72
C ASP A 1 -25.34 6.32 -10.81
N ILE A 2 -24.27 6.48 -11.60
CA ILE A 2 -23.93 5.52 -12.65
C ILE A 2 -23.19 4.36 -11.95
N VAL A 3 -23.66 3.12 -12.12
CA VAL A 3 -23.04 1.93 -11.51
C VAL A 3 -22.03 1.36 -12.50
N MET A 4 -20.80 1.14 -12.03
CA MET A 4 -19.73 0.58 -12.85
C MET A 4 -19.42 -0.85 -12.42
N THR A 5 -19.60 -1.80 -13.34
CA THR A 5 -19.37 -3.23 -13.08
C THR A 5 -18.12 -3.68 -13.81
N GLN A 6 -17.20 -4.33 -13.09
CA GLN A 6 -15.97 -4.87 -13.69
C GLN A 6 -16.00 -6.39 -13.69
N SER A 7 -15.45 -6.99 -14.76
CA SER A 7 -15.36 -8.44 -14.92
C SER A 7 -14.02 -8.81 -15.60
N PRO A 8 -13.17 -9.68 -14.99
CA PRO A 8 -13.32 -10.35 -13.68
C PRO A 8 -12.82 -9.44 -12.53
N LEU A 9 -12.86 -9.93 -11.30
CA LEU A 9 -12.38 -9.18 -10.15
C LEU A 9 -10.92 -9.49 -9.87
N SER A 10 -10.43 -10.58 -10.46
CA SER A 10 -9.04 -11.00 -10.36
C SER A 10 -8.73 -11.95 -11.50
N LEU A 11 -7.47 -11.96 -11.94
CA LEU A 11 -6.96 -12.86 -12.96
C LEU A 11 -5.44 -12.99 -12.80
N SER A 12 -4.93 -14.12 -13.29
CA SER A 12 -3.54 -14.51 -13.25
C SER A 12 -3.13 -14.82 -14.69
N VAL A 13 -2.24 -14.00 -15.24
CA VAL A 13 -1.77 -14.12 -16.62
C VAL A 13 -0.22 -14.21 -16.61
N THR A 14 0.34 -15.11 -17.45
CA THR A 14 1.79 -15.23 -17.56
C THR A 14 2.34 -14.15 -18.53
N PRO A 15 3.49 -13.50 -18.23
CA PRO A 15 4.03 -12.49 -19.16
C PRO A 15 4.17 -13.00 -20.59
N GLY A 16 3.81 -12.15 -21.53
CA GLY A 16 3.79 -12.47 -22.97
C GLY A 16 2.40 -12.85 -23.46
N GLU A 17 1.49 -13.13 -22.51
CA GLU A 17 0.12 -13.52 -22.81
C GLU A 17 -0.85 -12.34 -22.62
N PRO A 18 -1.98 -12.32 -23.35
CA PRO A 18 -2.95 -11.22 -23.16
C PRO A 18 -3.85 -11.30 -21.93
N ALA A 19 -4.39 -10.15 -21.55
CA ALA A 19 -5.32 -9.96 -20.43
C ALA A 19 -6.44 -9.10 -20.96
N SER A 20 -7.66 -9.40 -20.52
CA SER A 20 -8.83 -8.65 -20.90
C SER A 20 -9.64 -8.35 -19.66
N ILE A 21 -10.06 -7.09 -19.50
CA ILE A 21 -10.88 -6.66 -18.38
C ILE A 21 -12.07 -5.93 -18.97
N SER A 22 -13.28 -6.42 -18.67
CA SER A 22 -14.53 -5.82 -19.12
C SER A 22 -15.06 -4.82 -18.07
N CYS A 23 -15.74 -3.78 -18.54
CA CYS A 23 -16.38 -2.75 -17.70
C CYS A 23 -17.77 -2.45 -18.25
N ARG A 24 -18.78 -2.56 -17.37
CA ARG A 24 -20.18 -2.30 -17.74
C ARG A 24 -20.68 -1.07 -16.98
N SER A 25 -21.30 -0.16 -17.71
CA SER A 25 -21.88 1.06 -17.19
C SER A 25 -23.40 0.86 -17.08
N SER A 26 -24.05 1.44 -16.05
CA SER A 26 -25.50 1.34 -15.83
C SER A 26 -26.29 2.21 -16.83
N GLN A 27 -25.66 3.29 -17.32
CA GLN A 27 -26.18 4.23 -18.33
C GLN A 27 -25.11 4.44 -19.41
N SER A 28 -25.54 4.79 -20.63
CA SER A 28 -24.61 5.05 -21.73
C SER A 28 -23.65 6.19 -21.43
N LEU A 29 -22.39 6.01 -21.82
CA LEU A 29 -21.32 7.00 -21.64
C LEU A 29 -20.93 7.63 -22.97
N LEU A 30 -21.65 7.30 -24.06
CA LEU A 30 -21.40 7.85 -25.39
C LEU A 30 -21.55 9.37 -25.39
N ARG A 31 -20.58 10.05 -26.03
CA ARG A 31 -20.52 11.50 -26.18
C ARG A 31 -21.02 11.86 -27.58
N ARG A 32 -21.24 13.15 -27.84
CA ARG A 32 -21.70 13.58 -29.17
C ARG A 32 -20.59 13.39 -30.22
N ASP A 33 -19.30 13.60 -29.80
CA ASP A 33 -18.10 13.50 -30.62
C ASP A 33 -17.67 12.10 -31.07
N GLY A 34 -18.36 11.07 -30.58
CA GLY A 34 -18.05 9.69 -30.93
C GLY A 34 -17.28 8.95 -29.84
N HIS A 35 -16.61 9.71 -28.96
CA HIS A 35 -15.87 9.16 -27.82
C HIS A 35 -16.84 8.82 -26.71
N ASN A 36 -16.32 8.32 -25.57
CA ASN A 36 -17.10 7.94 -24.40
C ASN A 36 -16.55 8.58 -23.15
N ASP A 37 -17.40 8.81 -22.15
CA ASP A 37 -16.94 9.42 -20.91
C ASP A 37 -16.53 8.30 -19.92
N LEU A 38 -15.53 7.50 -20.34
CA LEU A 38 -14.99 6.32 -19.66
C LEU A 38 -13.43 6.34 -19.65
N GLU A 39 -12.86 6.11 -18.47
CA GLU A 39 -11.43 6.10 -18.23
C GLU A 39 -10.99 4.81 -17.55
N TRP A 40 -9.70 4.45 -17.74
CA TRP A 40 -9.05 3.28 -17.15
C TRP A 40 -7.83 3.73 -16.36
N TYR A 41 -7.68 3.16 -15.15
CA TYR A 41 -6.57 3.45 -14.24
C TYR A 41 -5.89 2.19 -13.79
N LEU A 42 -4.61 2.32 -13.49
CA LEU A 42 -3.87 1.22 -12.90
C LEU A 42 -3.35 1.70 -11.56
N GLN A 43 -3.54 0.91 -10.53
CA GLN A 43 -2.96 1.20 -9.22
C GLN A 43 -1.96 0.09 -8.85
N LYS A 44 -0.67 0.44 -8.91
CA LYS A 44 0.47 -0.41 -8.55
C LYS A 44 0.64 -0.40 -7.01
N PRO A 45 1.29 -1.42 -6.39
CA PRO A 45 1.41 -1.44 -4.92
C PRO A 45 2.18 -0.25 -4.36
N GLY A 46 1.60 0.41 -3.35
CA GLY A 46 2.19 1.57 -2.67
C GLY A 46 2.03 2.89 -3.39
N GLN A 47 1.45 2.84 -4.61
CA GLN A 47 1.24 4.00 -5.46
C GLN A 47 -0.24 4.39 -5.51
N SER A 48 -0.46 5.63 -5.98
CA SER A 48 -1.74 6.24 -6.31
C SER A 48 -2.13 5.65 -7.69
N PRO A 49 -3.44 5.68 -8.06
CA PRO A 49 -3.82 5.19 -9.40
C PRO A 49 -3.26 6.11 -10.50
N GLN A 50 -2.81 5.50 -11.61
CA GLN A 50 -2.22 6.18 -12.77
C GLN A 50 -3.14 5.98 -13.97
N PRO A 51 -3.36 7.01 -14.80
CA PRO A 51 -4.25 6.84 -15.96
C PRO A 51 -3.67 5.98 -17.08
N LEU A 52 -4.51 5.17 -17.69
CA LEU A 52 -4.09 4.37 -18.83
C LEU A 52 -4.81 4.87 -20.06
N ILE A 53 -6.14 4.97 -19.95
CA ILE A 53 -7.07 5.31 -21.02
C ILE A 53 -8.02 6.40 -20.59
N TYR A 54 -8.31 7.33 -21.50
CA TYR A 54 -9.32 8.36 -21.32
C TYR A 54 -10.15 8.46 -22.59
N LEU A 55 -11.37 9.04 -22.50
CA LEU A 55 -12.29 9.18 -23.63
C LEU A 55 -12.65 7.82 -24.28
N GLY A 56 -12.54 6.75 -23.48
CA GLY A 56 -12.86 5.37 -23.86
C GLY A 56 -11.74 4.59 -24.54
N SER A 57 -10.94 5.26 -25.40
CA SER A 57 -9.91 4.60 -26.21
C SER A 57 -8.58 5.34 -26.34
N THR A 58 -8.48 6.56 -25.80
CA THR A 58 -7.26 7.37 -25.90
C THR A 58 -6.24 7.04 -24.80
N ARG A 59 -5.04 6.62 -25.20
CA ARG A 59 -3.98 6.30 -24.24
C ARG A 59 -3.44 7.55 -23.57
N ALA A 60 -3.13 7.45 -22.26
CA ALA A 60 -2.52 8.55 -21.54
C ALA A 60 -1.06 8.63 -21.97
N SER A 61 -0.45 9.83 -21.88
CA SER A 61 0.94 10.06 -22.26
C SER A 61 1.88 9.06 -21.52
N GLY A 62 2.77 8.41 -22.30
CA GLY A 62 3.69 7.42 -21.76
C GLY A 62 3.11 6.02 -21.58
N VAL A 63 1.86 5.80 -22.01
CA VAL A 63 1.24 4.47 -21.95
C VAL A 63 1.48 3.80 -23.32
N PRO A 64 2.13 2.61 -23.35
CA PRO A 64 2.44 1.98 -24.65
C PRO A 64 1.24 1.34 -25.33
N ASP A 65 1.31 1.17 -26.69
CA ASP A 65 0.23 0.59 -27.48
C ASP A 65 -0.19 -0.87 -27.11
N ARG A 66 0.53 -1.52 -26.15
CA ARG A 66 0.28 -2.84 -25.56
C ARG A 66 -1.10 -2.80 -24.91
N PHE A 67 -1.49 -1.60 -24.43
CA PHE A 67 -2.73 -1.27 -23.74
C PHE A 67 -3.72 -0.61 -24.70
N SER A 68 -4.95 -1.10 -24.69
CA SER A 68 -6.01 -0.48 -25.49
C SER A 68 -7.34 -0.49 -24.77
N GLY A 69 -8.09 0.59 -24.96
CA GLY A 69 -9.43 0.75 -24.45
C GLY A 69 -10.38 0.68 -25.63
N SER A 70 -11.37 -0.19 -25.57
CA SER A 70 -12.35 -0.32 -26.65
C SER A 70 -13.78 -0.39 -26.08
N GLY A 71 -14.77 -0.22 -26.96
CA GLY A 71 -16.17 -0.24 -26.57
C GLY A 71 -16.87 1.10 -26.70
N SER A 72 -18.20 1.10 -26.48
CA SER A 72 -19.06 2.28 -26.57
C SER A 72 -20.37 2.09 -25.80
N GLY A 73 -20.96 3.20 -25.40
CA GLY A 73 -22.21 3.22 -24.65
C GLY A 73 -22.08 2.68 -23.24
N THR A 74 -22.46 1.41 -23.05
CA THR A 74 -22.45 0.76 -21.74
C THR A 74 -21.36 -0.29 -21.53
N ASP A 75 -20.75 -0.83 -22.63
CA ASP A 75 -19.77 -1.91 -22.56
C ASP A 75 -18.39 -1.53 -23.04
N PHE A 76 -17.41 -1.75 -22.17
CA PHE A 76 -16.02 -1.36 -22.39
C PHE A 76 -15.05 -2.48 -22.12
N THR A 77 -13.89 -2.43 -22.78
CA THR A 77 -12.87 -3.46 -22.59
C THR A 77 -11.51 -2.84 -22.53
N LEU A 78 -10.74 -3.23 -21.50
CA LEU A 78 -9.33 -2.89 -21.39
C LEU A 78 -8.60 -4.15 -21.79
N LYS A 79 -7.73 -4.05 -22.80
CA LYS A 79 -6.93 -5.17 -23.26
C LYS A 79 -5.48 -4.86 -23.06
N ILE A 80 -4.72 -5.86 -22.59
CA ILE A 80 -3.27 -5.77 -22.48
C ILE A 80 -2.77 -6.87 -23.44
N ILE A 81 -2.22 -6.47 -24.62
CA ILE A 81 -1.77 -7.38 -25.67
C ILE A 81 -0.74 -8.41 -25.18
N ARG A 82 0.29 -7.95 -24.50
CA ARG A 82 1.27 -8.82 -23.85
C ARG A 82 1.52 -8.25 -22.48
N VAL A 83 1.23 -9.04 -21.46
CA VAL A 83 1.34 -8.67 -20.06
C VAL A 83 2.83 -8.69 -19.65
N GLU A 84 3.30 -7.63 -18.96
CA GLU A 84 4.69 -7.60 -18.46
C GLU A 84 4.63 -7.78 -16.95
N ALA A 85 5.75 -8.09 -16.31
CA ALA A 85 5.84 -8.25 -14.85
C ALA A 85 5.39 -6.95 -14.14
N GLU A 86 5.75 -5.76 -14.71
CA GLU A 86 5.43 -4.45 -14.19
C GLU A 86 3.92 -4.11 -14.17
N ASP A 87 3.10 -4.92 -14.85
CA ASP A 87 1.66 -4.74 -14.94
C ASP A 87 0.90 -5.16 -13.68
N ALA A 88 1.56 -5.86 -12.74
CA ALA A 88 0.95 -6.31 -11.49
C ALA A 88 0.32 -5.14 -10.71
N GLY A 89 -0.94 -5.32 -10.29
CA GLY A 89 -1.70 -4.30 -9.59
C GLY A 89 -3.19 -4.41 -9.82
N THR A 90 -3.92 -3.31 -9.49
CA THR A 90 -5.37 -3.23 -9.59
C THR A 90 -5.80 -2.23 -10.65
N TYR A 91 -6.64 -2.68 -11.57
CA TYR A 91 -7.17 -1.89 -12.67
C TYR A 91 -8.59 -1.47 -12.33
N TYR A 92 -8.93 -0.21 -12.60
CA TYR A 92 -10.24 0.35 -12.33
C TYR A 92 -10.75 1.06 -13.56
N CYS A 93 -12.04 0.92 -13.87
CA CYS A 93 -12.64 1.74 -14.91
C CYS A 93 -13.38 2.85 -14.14
N MET A 94 -13.61 3.97 -14.80
CA MET A 94 -14.25 5.13 -14.16
C MET A 94 -15.02 5.91 -15.19
N GLN A 95 -16.27 6.29 -14.87
CA GLN A 95 -17.06 7.16 -15.72
C GLN A 95 -16.84 8.64 -15.31
N ASN A 96 -16.73 9.54 -16.29
CA ASN A 96 -16.56 10.97 -15.99
C ASN A 96 -17.63 11.77 -16.69
N LYS A 97 -18.79 11.11 -16.98
CA LYS A 97 -19.96 11.71 -17.62
C LYS A 97 -20.55 12.77 -16.71
N GLN A 98 -20.66 12.44 -15.42
CA GLN A 98 -21.29 13.29 -14.40
C GLN A 98 -20.79 12.97 -13.00
N THR A 99 -21.17 13.83 -12.02
CA THR A 99 -20.85 13.62 -10.62
C THR A 99 -22.04 12.87 -9.99
N PRO A 100 -21.84 11.97 -9.00
CA PRO A 100 -20.56 11.49 -8.47
C PRO A 100 -19.77 10.66 -9.49
N LEU A 101 -18.45 10.90 -9.64
CA LEU A 101 -17.64 10.07 -10.52
C LEU A 101 -17.65 8.69 -9.87
N THR A 102 -17.88 7.64 -10.65
CA THR A 102 -17.99 6.29 -10.13
C THR A 102 -16.99 5.35 -10.74
N PHE A 103 -16.55 4.40 -9.93
CA PHE A 103 -15.53 3.44 -10.29
C PHE A 103 -16.03 2.01 -10.24
N GLY A 104 -15.43 1.15 -11.06
CA GLY A 104 -15.66 -0.28 -10.99
C GLY A 104 -15.00 -0.80 -9.72
N GLN A 105 -15.34 -2.04 -9.30
CA GLN A 105 -14.82 -2.62 -8.05
C GLN A 105 -13.29 -2.74 -7.99
N GLY A 106 -12.69 -2.85 -9.16
CA GLY A 106 -11.26 -3.05 -9.32
C GLY A 106 -10.97 -4.50 -9.65
N THR A 107 -10.00 -4.71 -10.57
CA THR A 107 -9.56 -6.02 -11.02
C THR A 107 -8.09 -6.21 -10.65
N ARG A 108 -7.77 -7.19 -9.79
CA ARG A 108 -6.38 -7.46 -9.43
C ARG A 108 -5.72 -8.37 -10.47
N LEU A 109 -4.66 -7.86 -11.13
CA LEU A 109 -3.93 -8.66 -12.10
C LEU A 109 -2.75 -9.30 -11.39
N GLU A 110 -2.71 -10.62 -11.38
CA GLU A 110 -1.59 -11.32 -10.79
C GLU A 110 -0.72 -11.78 -11.93
N ILE A 111 0.57 -11.56 -11.83
CA ILE A 111 1.51 -12.02 -12.83
C ILE A 111 1.87 -13.44 -12.45
N LYS A 112 1.50 -14.37 -13.32
CA LYS A 112 1.79 -15.79 -13.15
C LYS A 112 3.26 -16.01 -13.49
N ARG A 113 3.96 -16.73 -12.62
CA ARG A 113 5.34 -17.03 -12.86
C ARG A 113 5.59 -18.46 -12.45
N THR A 114 6.81 -18.97 -12.65
CA THR A 114 7.21 -20.32 -12.24
C THR A 114 7.18 -20.46 -10.71
N VAL A 115 7.03 -21.68 -10.20
CA VAL A 115 7.02 -21.95 -8.76
C VAL A 115 8.42 -21.60 -8.19
N ALA A 116 8.45 -20.79 -7.11
CA ALA A 116 9.69 -20.38 -6.43
C ALA A 116 9.53 -20.61 -4.95
N ALA A 117 10.40 -21.48 -4.39
CA ALA A 117 10.42 -21.78 -2.96
C ALA A 117 10.88 -20.54 -2.18
N PRO A 118 10.38 -20.26 -0.96
CA PRO A 118 10.92 -19.12 -0.23
C PRO A 118 12.32 -19.41 0.34
N SER A 119 13.12 -18.37 0.53
CA SER A 119 14.34 -18.53 1.28
C SER A 119 13.85 -18.08 2.71
N VAL A 120 14.11 -18.92 3.74
CA VAL A 120 13.60 -18.73 5.10
C VAL A 120 14.70 -18.25 6.03
N PHE A 121 14.35 -17.29 6.91
CA PHE A 121 15.25 -16.67 7.88
C PHE A 121 14.53 -16.46 9.19
N ILE A 122 15.17 -16.76 10.29
CA ILE A 122 14.59 -16.60 11.62
C ILE A 122 15.46 -15.56 12.37
N PHE A 123 14.81 -14.68 13.14
CA PHE A 123 15.47 -13.65 13.90
C PHE A 123 14.99 -13.71 15.34
N PRO A 124 15.94 -13.92 16.27
CA PRO A 124 15.57 -13.85 17.71
C PRO A 124 15.21 -12.43 18.11
N PRO A 125 14.61 -12.18 19.30
CA PRO A 125 14.44 -10.78 19.73
C PRO A 125 15.81 -10.17 19.96
N SER A 126 15.94 -8.89 19.64
CA SER A 126 17.19 -8.19 19.88
C SER A 126 17.34 -8.01 21.42
N ASP A 127 18.59 -7.84 21.87
CA ASP A 127 18.96 -7.58 23.25
C ASP A 127 18.31 -6.29 23.75
N GLU A 128 18.24 -5.28 22.89
CA GLU A 128 17.60 -4.00 23.17
C GLU A 128 16.10 -4.16 23.40
N GLN A 129 15.43 -5.09 22.68
CA GLN A 129 14.00 -5.34 22.92
C GLN A 129 13.81 -6.01 24.25
N LEU A 130 14.63 -7.03 24.55
CA LEU A 130 14.59 -7.74 25.83
C LEU A 130 14.84 -6.79 26.98
N LYS A 131 15.74 -5.80 26.81
CA LYS A 131 16.06 -4.75 27.80
C LYS A 131 14.77 -3.94 28.09
N SER A 132 13.98 -3.65 27.04
CA SER A 132 12.72 -2.92 27.09
C SER A 132 11.56 -3.70 27.73
N GLY A 133 11.76 -5.01 28.00
CA GLY A 133 10.80 -5.89 28.65
C GLY A 133 9.93 -6.80 27.78
N THR A 134 10.12 -6.76 26.44
CA THR A 134 9.32 -7.60 25.54
C THR A 134 10.20 -8.50 24.64
N ALA A 135 9.57 -9.42 23.89
CA ALA A 135 10.27 -10.33 22.99
C ALA A 135 9.47 -10.65 21.71
N SER A 136 10.04 -10.33 20.56
CA SER A 136 9.42 -10.64 19.27
C SER A 136 10.36 -11.54 18.49
N VAL A 137 9.86 -12.69 17.99
CA VAL A 137 10.66 -13.58 17.15
C VAL A 137 10.14 -13.40 15.73
N VAL A 138 11.01 -13.06 14.78
CA VAL A 138 10.56 -12.81 13.41
C VAL A 138 10.96 -13.94 12.43
N CYS A 139 10.02 -14.35 11.58
CA CYS A 139 10.32 -15.33 10.56
C CYS A 139 10.05 -14.76 9.18
N LEU A 140 11.08 -14.76 8.34
CA LEU A 140 11.03 -14.27 6.98
C LEU A 140 11.02 -15.39 5.96
N LEU A 141 10.05 -15.33 5.03
CA LEU A 141 9.86 -16.22 3.86
C LEU A 141 10.07 -15.24 2.71
N ASN A 142 11.23 -15.30 2.05
CA ASN A 142 11.61 -14.37 1.01
C ASN A 142 11.43 -14.89 -0.42
N ASN A 143 10.86 -14.03 -1.30
CA ASN A 143 10.66 -14.17 -2.74
C ASN A 143 10.06 -15.53 -3.17
N PHE A 144 8.79 -15.73 -2.86
CA PHE A 144 8.15 -17.00 -3.22
C PHE A 144 6.92 -16.84 -4.14
N TYR A 145 6.56 -17.93 -4.84
CA TYR A 145 5.41 -18.02 -5.73
C TYR A 145 4.98 -19.47 -5.82
N PRO A 146 3.68 -19.82 -5.65
CA PRO A 146 2.51 -18.93 -5.42
C PRO A 146 2.39 -18.36 -4.02
N ARG A 147 1.40 -17.47 -3.82
CA ARG A 147 1.15 -16.79 -2.56
C ARG A 147 0.90 -17.74 -1.34
N GLU A 148 0.24 -18.88 -1.56
CA GLU A 148 -0.06 -19.85 -0.50
C GLU A 148 1.19 -20.37 0.19
N ALA A 149 1.27 -20.11 1.48
CA ALA A 149 2.38 -20.51 2.31
C ALA A 149 1.86 -20.70 3.71
N LYS A 150 2.45 -21.65 4.45
CA LYS A 150 2.07 -21.88 5.85
C LYS A 150 3.30 -21.80 6.75
N VAL A 151 3.18 -21.04 7.84
CA VAL A 151 4.21 -20.92 8.85
C VAL A 151 3.71 -21.40 10.18
N GLN A 152 4.49 -22.29 10.78
CA GLN A 152 4.19 -22.90 12.06
C GLN A 152 5.35 -22.60 13.02
N TRP A 153 5.03 -22.00 14.17
CA TRP A 153 5.97 -21.68 15.23
C TRP A 153 5.98 -22.78 16.27
N LYS A 154 7.16 -23.10 16.78
CA LYS A 154 7.37 -24.09 17.83
C LYS A 154 8.34 -23.52 18.84
N VAL A 155 8.01 -23.64 20.12
CA VAL A 155 8.90 -23.15 21.19
C VAL A 155 9.16 -24.37 22.03
N ASP A 156 10.43 -24.89 22.05
CA ASP A 156 10.80 -26.16 22.71
C ASP A 156 9.82 -27.28 22.29
N ASN A 157 9.53 -27.31 20.97
CA ASN A 157 8.61 -28.24 20.31
C ASN A 157 7.12 -28.03 20.65
N ALA A 158 6.77 -26.95 21.37
CA ALA A 158 5.35 -26.69 21.65
C ALA A 158 4.81 -25.92 20.46
N LEU A 159 3.68 -26.36 19.91
CA LEU A 159 3.06 -25.67 18.79
C LEU A 159 2.44 -24.36 19.30
N GLN A 160 2.78 -23.26 18.66
CA GLN A 160 2.28 -21.94 19.02
C GLN A 160 1.02 -21.65 18.27
N SER A 161 -0.01 -21.26 19.00
CA SER A 161 -1.30 -20.97 18.42
C SER A 161 -1.86 -19.67 18.97
N GLY A 162 -2.09 -18.71 18.07
CA GLY A 162 -2.72 -17.43 18.40
C GLY A 162 -1.82 -16.33 18.93
N ASN A 163 -0.51 -16.55 18.93
CA ASN A 163 0.45 -15.58 19.47
C ASN A 163 1.40 -15.08 18.40
N SER A 164 0.98 -15.20 17.15
CA SER A 164 1.73 -14.77 16.02
C SER A 164 0.83 -13.99 15.06
N GLN A 165 1.43 -13.04 14.36
CA GLN A 165 0.75 -12.28 13.33
C GLN A 165 1.62 -12.28 12.12
N GLU A 166 1.02 -12.27 10.95
CA GLU A 166 1.77 -12.23 9.70
C GLU A 166 1.24 -11.19 8.72
N SER A 167 2.13 -10.77 7.81
CA SER A 167 1.82 -9.86 6.73
C SER A 167 2.65 -10.22 5.53
N VAL A 168 2.01 -10.12 4.37
CA VAL A 168 2.57 -10.53 3.08
C VAL A 168 2.69 -9.26 2.22
N THR A 169 3.77 -9.12 1.47
CA THR A 169 3.92 -7.99 0.56
C THR A 169 3.07 -8.27 -0.68
N GLU A 170 2.81 -7.23 -1.48
CA GLU A 170 2.08 -7.40 -2.72
C GLU A 170 3.08 -7.90 -3.77
N GLN A 171 2.59 -8.47 -4.87
CA GLN A 171 3.46 -9.01 -5.90
C GLN A 171 4.51 -8.02 -6.35
N ASP A 172 5.75 -8.52 -6.43
CA ASP A 172 6.90 -7.72 -6.83
C ASP A 172 6.80 -7.37 -8.32
N SER A 173 6.99 -6.09 -8.65
CA SER A 173 6.89 -5.58 -10.02
C SER A 173 7.94 -6.09 -11.01
N LYS A 174 9.07 -6.63 -10.52
CA LYS A 174 10.14 -7.13 -11.37
C LYS A 174 10.21 -8.67 -11.44
N ASP A 175 10.19 -9.35 -10.28
CA ASP A 175 10.33 -10.81 -10.24
C ASP A 175 9.04 -11.59 -9.97
N SER A 176 7.91 -10.87 -9.76
CA SER A 176 6.55 -11.44 -9.56
C SER A 176 6.36 -12.39 -8.35
N THR A 177 7.22 -12.28 -7.36
CA THR A 177 7.17 -13.07 -6.14
C THR A 177 6.55 -12.26 -4.97
N TYR A 178 6.23 -12.98 -3.86
CA TYR A 178 5.69 -12.45 -2.62
C TYR A 178 6.69 -12.72 -1.53
N SER A 179 6.61 -11.97 -0.44
CA SER A 179 7.42 -12.22 0.74
C SER A 179 6.48 -12.17 1.94
N LEU A 180 6.83 -12.87 3.00
CA LEU A 180 5.97 -12.92 4.16
C LEU A 180 6.84 -12.80 5.39
N SER A 181 6.33 -12.04 6.37
CA SER A 181 6.92 -11.86 7.69
C SER A 181 5.93 -12.38 8.72
N SER A 182 6.41 -13.22 9.65
CA SER A 182 5.58 -13.73 10.72
C SER A 182 6.29 -13.37 12.03
N THR A 183 5.56 -12.77 12.97
CA THR A 183 6.10 -12.34 14.25
C THR A 183 5.47 -13.13 15.37
N LEU A 184 6.30 -13.75 16.21
CA LEU A 184 5.85 -14.48 17.38
C LEU A 184 6.07 -13.58 18.59
N THR A 185 5.00 -13.27 19.30
CA THR A 185 5.08 -12.41 20.49
C THR A 185 5.01 -13.26 21.74
N LEU A 186 5.98 -13.10 22.63
CA LEU A 186 5.99 -13.73 23.94
C LEU A 186 6.51 -12.76 24.96
N SER A 187 6.19 -13.01 26.22
CA SER A 187 6.70 -12.18 27.30
C SER A 187 8.23 -12.40 27.41
N LYS A 188 8.92 -11.49 28.08
CA LYS A 188 10.36 -11.68 28.28
C LYS A 188 10.62 -12.91 29.18
N ALA A 189 9.78 -13.16 30.20
CA ALA A 189 9.92 -14.30 31.13
C ALA A 189 9.72 -15.65 30.41
N ASP A 190 8.75 -15.71 29.48
CA ASP A 190 8.52 -16.93 28.67
C ASP A 190 9.64 -17.13 27.69
N TYR A 191 10.16 -16.04 27.10
CA TYR A 191 11.30 -16.16 26.21
C TYR A 191 12.52 -16.76 26.93
N GLU A 192 12.82 -16.28 28.14
CA GLU A 192 13.96 -16.70 28.98
C GLU A 192 13.82 -18.11 29.55
N LYS A 193 12.59 -18.65 29.54
CA LYS A 193 12.26 -19.98 30.07
C LYS A 193 12.51 -21.04 29.01
N HIS A 194 12.55 -20.65 27.74
CA HIS A 194 12.67 -21.65 26.67
C HIS A 194 13.95 -21.59 25.86
N LYS A 195 14.33 -22.73 25.24
CA LYS A 195 15.57 -22.80 24.46
C LYS A 195 15.42 -22.77 22.93
N VAL A 196 14.69 -23.74 22.35
CA VAL A 196 14.55 -23.88 20.89
C VAL A 196 13.38 -23.04 20.32
N TYR A 197 13.71 -22.13 19.40
CA TYR A 197 12.74 -21.31 18.70
C TYR A 197 12.83 -21.69 17.24
N ALA A 198 11.78 -22.34 16.74
CA ALA A 198 11.71 -22.82 15.37
C ALA A 198 10.52 -22.27 14.58
N CYS A 199 10.77 -21.96 13.32
CA CYS A 199 9.80 -21.52 12.34
C CYS A 199 9.80 -22.57 11.21
N GLU A 200 8.66 -23.29 11.05
CA GLU A 200 8.47 -24.30 10.04
C GLU A 200 7.62 -23.76 8.89
N VAL A 201 8.16 -23.86 7.68
CA VAL A 201 7.54 -23.33 6.47
C VAL A 201 7.11 -24.41 5.50
N THR A 202 5.83 -24.34 5.08
CA THR A 202 5.25 -25.22 4.07
C THR A 202 4.88 -24.38 2.82
N HIS A 203 5.36 -24.84 1.67
CA HIS A 203 5.19 -24.18 0.39
C HIS A 203 5.38 -25.18 -0.70
N GLN A 204 4.65 -24.98 -1.80
CA GLN A 204 4.65 -25.80 -3.01
C GLN A 204 6.06 -25.99 -3.63
N GLY A 205 6.92 -24.98 -3.49
CA GLY A 205 8.28 -24.98 -4.01
C GLY A 205 9.24 -25.80 -3.17
N LEU A 206 8.74 -26.28 -2.02
CA LEU A 206 9.45 -27.11 -1.05
C LEU A 206 8.84 -28.52 -1.09
N SER A 207 9.65 -29.55 -1.39
CA SER A 207 9.23 -30.96 -1.41
C SER A 207 8.89 -31.43 -0.01
N SER A 208 9.56 -30.82 0.99
CA SER A 208 9.38 -31.08 2.41
C SER A 208 9.39 -29.74 3.17
N PRO A 209 8.64 -29.59 4.30
CA PRO A 209 8.71 -28.33 5.05
C PRO A 209 10.11 -28.03 5.57
N VAL A 210 10.50 -26.76 5.47
CA VAL A 210 11.81 -26.27 5.89
C VAL A 210 11.69 -25.66 7.28
N THR A 211 12.61 -26.04 8.17
CA THR A 211 12.62 -25.47 9.51
C THR A 211 13.90 -24.65 9.70
N LYS A 212 13.71 -23.44 10.21
CA LYS A 212 14.77 -22.54 10.61
C LYS A 212 14.52 -22.32 12.09
N SER A 213 15.56 -22.54 12.89
CA SER A 213 15.55 -22.43 14.33
C SER A 213 16.83 -21.78 14.87
N PHE A 214 16.81 -21.41 16.16
CA PHE A 214 17.95 -20.91 16.93
C PHE A 214 17.75 -21.35 18.36
N ASN A 215 18.85 -21.46 19.13
CA ASN A 215 18.80 -21.76 20.56
C ASN A 215 19.10 -20.45 21.24
N ARG A 216 18.18 -20.01 22.15
CA ARG A 216 18.36 -18.77 22.92
C ARG A 216 19.73 -18.80 23.64
N GLY A 217 20.53 -17.76 23.42
CA GLY A 217 21.88 -17.61 23.96
C GLY A 217 22.91 -18.50 23.26
N GLU A 218 22.73 -18.73 21.94
CA GLU A 218 23.51 -19.58 21.02
C GLU A 218 23.48 -21.11 21.28
N CYS A 219 23.30 -21.56 22.54
CA CYS A 219 23.23 -22.98 22.91
C CYS A 219 22.15 -23.26 23.96
N VAL B 2 2.72 20.93 -12.29
CA VAL B 2 3.89 20.06 -12.24
C VAL B 2 3.97 19.21 -10.95
N GLN B 3 3.81 19.84 -9.76
CA GLN B 3 3.87 19.12 -8.49
C GLN B 3 2.70 19.40 -7.55
N LEU B 4 2.26 18.36 -6.81
CA LEU B 4 1.17 18.46 -5.85
C LEU B 4 1.64 18.14 -4.44
N VAL B 5 1.41 19.08 -3.51
CA VAL B 5 1.69 18.90 -2.09
C VAL B 5 0.33 18.77 -1.40
N GLU B 6 0.13 17.66 -0.69
CA GLU B 6 -1.11 17.39 0.05
C GLU B 6 -0.80 17.26 1.53
N SER B 7 -1.56 17.97 2.37
CA SER B 7 -1.39 17.94 3.83
C SER B 7 -2.71 18.17 4.54
N GLY B 8 -2.67 18.26 5.87
CA GLY B 8 -3.85 18.51 6.69
C GLY B 8 -4.61 17.26 7.10
N GLY B 9 -4.06 16.08 6.76
CA GLY B 9 -4.64 14.80 7.16
C GLY B 9 -4.22 14.41 8.57
N GLY B 10 -4.10 13.11 8.80
CA GLY B 10 -3.66 12.57 10.09
C GLY B 10 -4.76 12.09 11.00
N LEU B 11 -4.42 11.90 12.29
CA LEU B 11 -5.30 11.44 13.37
C LEU B 11 -6.28 12.51 13.75
N VAL B 12 -7.53 12.10 13.90
CA VAL B 12 -8.65 12.94 14.32
C VAL B 12 -9.60 12.04 15.12
N GLN B 13 -10.05 12.53 16.28
CA GLN B 13 -11.00 11.80 17.11
C GLN B 13 -12.37 11.74 16.40
N PRO B 14 -13.18 10.67 16.64
CA PRO B 14 -14.50 10.63 16.00
C PRO B 14 -15.34 11.83 16.45
N GLY B 15 -16.01 12.45 15.49
CA GLY B 15 -16.81 13.66 15.69
C GLY B 15 -16.02 14.92 15.37
N GLY B 16 -14.72 14.73 15.11
CA GLY B 16 -13.77 15.79 14.77
C GLY B 16 -13.83 16.27 13.33
N SER B 17 -12.96 17.24 13.01
CA SER B 17 -12.86 17.91 11.71
C SER B 17 -11.43 17.93 11.21
N LEU B 18 -11.27 17.96 9.89
CA LEU B 18 -9.95 18.00 9.25
C LEU B 18 -10.06 18.87 8.00
N LYS B 19 -8.99 19.63 7.68
CA LYS B 19 -8.97 20.46 6.49
C LYS B 19 -7.82 20.05 5.64
N LEU B 20 -8.11 19.31 4.57
CA LEU B 20 -7.11 18.85 3.63
C LEU B 20 -6.75 19.99 2.69
N SER B 21 -5.46 20.12 2.39
CA SER B 21 -4.87 21.11 1.51
C SER B 21 -4.27 20.40 0.28
N CYS B 22 -4.43 20.99 -0.91
CA CYS B 22 -3.84 20.48 -2.14
C CYS B 22 -3.18 21.67 -2.87
N ALA B 23 -1.85 21.84 -2.67
CA ALA B 23 -1.03 22.93 -3.22
C ALA B 23 -0.38 22.58 -4.56
N ALA B 24 -0.69 23.36 -5.60
CA ALA B 24 -0.15 23.16 -6.94
C ALA B 24 1.14 23.97 -7.16
N SER B 25 2.09 23.41 -7.95
CA SER B 25 3.38 24.08 -8.17
C SER B 25 3.61 24.73 -9.54
N GLY B 26 3.66 23.94 -10.61
CA GLY B 26 3.96 24.46 -11.95
C GLY B 26 2.79 24.84 -12.83
N PHE B 27 1.62 25.10 -12.23
CA PHE B 27 0.39 25.49 -12.94
C PHE B 27 -0.60 26.23 -12.03
N THR B 28 -1.61 26.86 -12.64
CA THR B 28 -2.62 27.61 -11.91
C THR B 28 -3.86 26.73 -11.67
N LEU B 29 -4.13 26.39 -10.39
CA LEU B 29 -5.24 25.53 -9.94
C LEU B 29 -6.58 26.01 -10.43
N SER B 30 -6.77 27.34 -10.49
CA SER B 30 -8.00 28.03 -10.93
C SER B 30 -8.46 27.66 -12.33
N GLY B 31 -7.51 27.28 -13.21
CA GLY B 31 -7.79 26.84 -14.58
C GLY B 31 -8.15 25.37 -14.67
N SER B 32 -8.02 24.64 -13.55
CA SER B 32 -8.26 23.21 -13.44
C SER B 32 -9.43 22.85 -12.52
N ASN B 33 -10.00 21.66 -12.72
CA ASN B 33 -11.04 21.16 -11.84
C ASN B 33 -10.32 20.29 -10.83
N VAL B 34 -10.63 20.49 -9.54
CA VAL B 34 -10.00 19.77 -8.44
C VAL B 34 -11.00 18.81 -7.80
N HIS B 35 -10.62 17.55 -7.78
CA HIS B 35 -11.42 16.48 -7.21
C HIS B 35 -10.69 15.87 -6.03
N TRP B 36 -11.46 15.23 -5.18
CA TRP B 36 -10.97 14.44 -4.07
C TRP B 36 -11.59 13.06 -4.18
N VAL B 37 -10.73 12.02 -4.10
CA VAL B 37 -11.11 10.61 -4.17
C VAL B 37 -10.53 9.90 -2.95
N ARG B 38 -11.35 9.10 -2.27
CA ARG B 38 -10.87 8.36 -1.12
C ARG B 38 -10.79 6.85 -1.37
N GLN B 39 -9.91 6.19 -0.59
CA GLN B 39 -9.66 4.75 -0.63
C GLN B 39 -9.30 4.24 0.78
N ALA B 40 -10.18 3.43 1.39
CA ALA B 40 -9.93 2.79 2.69
C ALA B 40 -8.96 1.64 2.40
N SER B 41 -8.05 1.36 3.33
CA SER B 41 -7.02 0.32 3.17
C SER B 41 -7.56 -1.00 2.61
N GLY B 42 -6.96 -1.45 1.49
CA GLY B 42 -7.35 -2.69 0.82
C GLY B 42 -8.74 -2.67 0.18
N LYS B 43 -9.30 -1.45 -0.05
CA LYS B 43 -10.62 -1.27 -0.66
C LYS B 43 -10.54 -0.50 -2.00
N GLY B 44 -11.68 -0.27 -2.62
CA GLY B 44 -11.78 0.44 -3.90
C GLY B 44 -11.77 1.94 -3.76
N LEU B 45 -12.09 2.64 -4.88
CA LEU B 45 -12.09 4.10 -4.96
C LEU B 45 -13.47 4.75 -4.83
N GLU B 46 -13.55 5.85 -4.07
CA GLU B 46 -14.79 6.56 -3.82
C GLU B 46 -14.59 8.05 -3.98
N TRP B 47 -15.28 8.66 -4.95
CA TRP B 47 -15.23 10.08 -5.18
C TRP B 47 -15.90 10.82 -4.01
N VAL B 48 -15.25 11.87 -3.51
CA VAL B 48 -15.69 12.64 -2.34
C VAL B 48 -16.35 13.96 -2.76
N GLY B 49 -15.74 14.63 -3.71
CA GLY B 49 -16.24 15.91 -4.19
C GLY B 49 -15.30 16.60 -5.13
N ARG B 50 -15.76 17.73 -5.70
CA ARG B 50 -14.97 18.51 -6.64
C ARG B 50 -15.31 19.97 -6.63
N ILE B 51 -14.42 20.77 -7.22
CA ILE B 51 -14.55 22.20 -7.43
C ILE B 51 -14.08 22.51 -8.85
N LYS B 52 -15.04 22.94 -9.69
CA LYS B 52 -14.79 23.29 -11.09
C LYS B 52 -13.91 24.56 -11.19
N ARG B 53 -13.20 24.69 -12.31
CA ARG B 53 -12.35 25.83 -12.63
C ARG B 53 -13.10 27.17 -12.54
N ASN B 54 -12.37 28.28 -12.33
CA ASN B 54 -12.89 29.64 -12.23
C ASN B 54 -13.90 30.02 -13.33
N ALA B 55 -13.61 29.61 -14.59
CA ALA B 55 -14.47 29.87 -15.76
C ALA B 55 -15.86 29.28 -15.52
N GLU B 56 -15.90 28.05 -14.97
CA GLU B 56 -17.10 27.28 -14.67
C GLU B 56 -17.70 27.60 -13.28
N SER B 57 -17.54 28.88 -12.85
CA SER B 57 -18.06 29.50 -11.62
C SER B 57 -17.77 28.79 -10.32
N ASP B 58 -16.62 28.09 -10.23
CA ASP B 58 -16.16 27.38 -9.03
C ASP B 58 -17.23 26.45 -8.42
N ALA B 59 -18.03 25.81 -9.30
CA ALA B 59 -19.15 24.91 -8.96
C ALA B 59 -18.65 23.67 -8.20
N THR B 60 -19.32 23.39 -7.07
CA THR B 60 -19.03 22.31 -6.16
C THR B 60 -20.12 21.24 -6.20
N ALA B 61 -19.71 19.98 -6.08
CA ALA B 61 -20.58 18.83 -6.00
C ALA B 61 -19.96 17.96 -4.92
N TYR B 62 -20.80 17.28 -4.14
CA TYR B 62 -20.31 16.45 -3.03
C TYR B 62 -20.98 15.09 -3.01
N ALA B 63 -20.23 14.05 -2.59
CA ALA B 63 -20.75 12.67 -2.47
C ALA B 63 -21.85 12.61 -1.42
N ALA B 64 -22.94 11.88 -1.73
CA ALA B 64 -24.10 11.70 -0.85
C ALA B 64 -23.70 11.08 0.49
N SER B 65 -22.72 10.15 0.48
CA SER B 65 -22.19 9.48 1.66
C SER B 65 -21.56 10.45 2.68
N MET B 66 -21.18 11.65 2.19
CA MET B 66 -20.55 12.74 2.93
C MET B 66 -21.46 13.98 2.99
N ARG B 67 -22.73 13.84 2.55
CA ARG B 67 -23.70 14.93 2.47
C ARG B 67 -23.77 15.82 3.71
N GLY B 68 -23.69 17.13 3.47
CA GLY B 68 -23.76 18.17 4.48
C GLY B 68 -22.60 18.24 5.46
N ARG B 69 -21.51 17.48 5.20
CA ARG B 69 -20.32 17.43 6.06
C ARG B 69 -19.04 17.98 5.38
N LEU B 70 -19.11 18.22 4.05
CA LEU B 70 -17.97 18.73 3.28
C LEU B 70 -18.13 20.16 2.82
N THR B 71 -17.01 20.86 2.76
CA THR B 71 -16.93 22.21 2.22
C THR B 71 -15.65 22.27 1.41
N ILE B 72 -15.79 22.33 0.08
CA ILE B 72 -14.64 22.42 -0.82
C ILE B 72 -14.45 23.85 -1.27
N SER B 73 -13.19 24.31 -1.22
CA SER B 73 -12.84 25.67 -1.58
C SER B 73 -11.51 25.72 -2.36
N ARG B 74 -11.11 26.94 -2.71
CA ARG B 74 -9.84 27.24 -3.38
C ARG B 74 -9.37 28.59 -2.88
N ASP B 75 -8.09 28.67 -2.51
CA ASP B 75 -7.48 29.94 -2.16
C ASP B 75 -6.59 30.20 -3.36
N ASP B 76 -7.06 31.07 -4.27
CA ASP B 76 -6.36 31.39 -5.50
C ASP B 76 -5.08 32.19 -5.30
N SER B 77 -4.98 32.92 -4.18
CA SER B 77 -3.79 33.70 -3.82
C SER B 77 -2.67 32.76 -3.35
N LYS B 78 -3.04 31.56 -2.86
CA LYS B 78 -2.13 30.52 -2.37
C LYS B 78 -1.97 29.38 -3.40
N ASN B 79 -2.76 29.39 -4.50
CA ASN B 79 -2.78 28.37 -5.58
C ASN B 79 -3.04 26.96 -4.97
N THR B 80 -3.98 26.90 -4.00
CA THR B 80 -4.32 25.73 -3.19
C THR B 80 -5.84 25.47 -3.08
N ALA B 81 -6.22 24.19 -3.09
CA ALA B 81 -7.59 23.70 -2.95
C ALA B 81 -7.76 23.10 -1.53
N PHE B 82 -8.96 23.18 -0.98
CA PHE B 82 -9.20 22.67 0.34
C PHE B 82 -10.41 21.77 0.44
N LEU B 83 -10.31 20.74 1.30
CA LEU B 83 -11.42 19.86 1.59
C LEU B 83 -11.62 19.86 3.11
N GLN B 84 -12.64 20.62 3.56
CA GLN B 84 -13.04 20.73 4.96
C GLN B 84 -14.05 19.61 5.20
N MET B 85 -13.76 18.71 6.14
CA MET B 85 -14.64 17.57 6.46
C MET B 85 -14.95 17.64 7.93
N ASN B 86 -16.23 17.64 8.28
CA ASN B 86 -16.71 17.77 9.66
C ASN B 86 -17.47 16.53 10.12
N SER B 87 -17.66 16.40 11.45
CA SER B 87 -18.37 15.28 12.10
C SER B 87 -17.86 13.93 11.57
N LEU B 88 -16.53 13.77 11.51
CA LEU B 88 -15.87 12.58 10.98
C LEU B 88 -16.13 11.33 11.80
N LYS B 89 -16.47 10.24 11.12
CA LYS B 89 -16.72 8.94 11.75
C LYS B 89 -15.62 7.96 11.33
N SER B 90 -15.47 6.83 12.05
CA SER B 90 -14.45 5.82 11.77
C SER B 90 -14.50 5.29 10.33
N ASP B 91 -15.68 5.31 9.69
CA ASP B 91 -15.92 4.90 8.31
C ASP B 91 -15.26 5.85 7.29
N ASP B 92 -14.79 7.03 7.75
CA ASP B 92 -14.15 8.05 6.93
C ASP B 92 -12.63 7.82 6.88
N THR B 93 -12.12 6.82 7.62
CA THR B 93 -10.70 6.46 7.65
C THR B 93 -10.35 5.95 6.24
N ALA B 94 -9.38 6.60 5.59
CA ALA B 94 -9.00 6.30 4.21
C ALA B 94 -7.83 7.15 3.81
N MET B 95 -7.24 6.79 2.67
CA MET B 95 -6.28 7.61 1.98
C MET B 95 -7.12 8.57 1.14
N TYR B 96 -6.85 9.88 1.22
CA TYR B 96 -7.59 10.88 0.47
C TYR B 96 -6.69 11.47 -0.59
N TYR B 97 -7.08 11.32 -1.86
CA TYR B 97 -6.28 11.81 -2.98
C TYR B 97 -6.86 13.04 -3.63
N CYS B 98 -5.99 13.98 -3.96
CA CYS B 98 -6.32 15.18 -4.70
C CYS B 98 -6.10 14.81 -6.18
N VAL B 99 -7.13 14.98 -7.02
CA VAL B 99 -7.13 14.59 -8.43
C VAL B 99 -7.42 15.81 -9.28
N ILE B 100 -6.44 16.22 -10.10
CA ILE B 100 -6.52 17.36 -11.00
C ILE B 100 -7.08 16.91 -12.34
N ARG B 101 -8.21 17.50 -12.71
CA ARG B 101 -8.90 17.17 -13.94
C ARG B 101 -9.19 18.41 -14.80
N GLY B 102 -9.36 18.21 -16.11
CA GLY B 102 -9.61 19.29 -17.08
C GLY B 102 -8.37 20.13 -17.38
N GLN B 108 -3.79 14.66 -13.23
CA GLN B 108 -2.85 13.99 -12.31
C GLN B 108 -3.44 13.60 -10.94
N TRP B 109 -2.97 12.48 -10.38
CA TRP B 109 -3.40 12.01 -9.05
C TRP B 109 -2.26 12.26 -8.09
N GLY B 110 -2.56 12.92 -6.96
CA GLY B 110 -1.56 13.16 -5.93
C GLY B 110 -1.22 11.86 -5.22
N GLN B 111 -0.16 11.87 -4.37
CA GLN B 111 0.25 10.70 -3.59
C GLN B 111 -0.70 10.39 -2.43
N GLY B 112 -1.56 11.36 -2.12
CA GLY B 112 -2.57 11.28 -1.07
C GLY B 112 -2.06 11.51 0.34
N THR B 113 -3.01 11.75 1.25
CA THR B 113 -2.77 11.88 2.68
C THR B 113 -3.75 10.99 3.46
N LEU B 114 -3.22 10.21 4.41
CA LEU B 114 -4.02 9.33 5.25
C LEU B 114 -4.75 10.08 6.36
N VAL B 115 -6.03 9.78 6.54
CA VAL B 115 -6.93 10.35 7.53
C VAL B 115 -7.35 9.14 8.39
N THR B 116 -7.06 9.21 9.71
CA THR B 116 -7.38 8.15 10.65
C THR B 116 -8.33 8.72 11.68
N VAL B 117 -9.57 8.20 11.70
CA VAL B 117 -10.62 8.61 12.62
C VAL B 117 -10.64 7.57 13.71
N SER B 118 -9.95 7.89 14.81
CA SER B 118 -9.77 7.03 15.98
C SER B 118 -9.73 7.85 17.26
N SER B 119 -10.10 7.21 18.36
CA SER B 119 -10.10 7.80 19.71
C SER B 119 -8.81 7.37 20.43
N ALA B 120 -7.93 6.60 19.74
CA ALA B 120 -6.63 6.19 20.27
C ALA B 120 -5.65 7.35 20.11
N SER B 121 -4.63 7.40 20.99
CA SER B 121 -3.61 8.46 21.02
C SER B 121 -2.38 8.11 20.17
N THR B 122 -1.70 9.12 19.62
CA THR B 122 -0.48 8.90 18.85
C THR B 122 0.63 8.34 19.73
N LYS B 123 1.37 7.39 19.17
CA LYS B 123 2.44 6.75 19.89
C LYS B 123 3.55 6.51 18.94
N GLY B 124 4.72 7.00 19.31
CA GLY B 124 5.92 6.82 18.49
C GLY B 124 6.44 5.43 18.57
N PRO B 125 7.11 4.92 17.52
CA PRO B 125 7.59 3.54 17.58
C PRO B 125 8.91 3.30 18.28
N SER B 126 9.12 2.02 18.65
CA SER B 126 10.38 1.48 19.10
C SER B 126 10.97 0.81 17.84
N VAL B 127 12.24 1.03 17.58
CA VAL B 127 12.97 0.49 16.42
C VAL B 127 14.07 -0.46 16.92
N PHE B 128 13.93 -1.75 16.56
CA PHE B 128 14.84 -2.81 16.98
C PHE B 128 15.52 -3.46 15.77
N PRO B 129 16.83 -3.84 15.86
CA PRO B 129 17.48 -4.43 14.68
C PRO B 129 17.12 -5.90 14.54
N LEU B 130 17.10 -6.40 13.29
CA LEU B 130 16.89 -7.81 12.98
C LEU B 130 18.26 -8.17 12.43
N ALA B 131 19.17 -8.56 13.34
CA ALA B 131 20.58 -8.80 13.04
C ALA B 131 20.85 -10.01 12.15
N PRO B 132 21.73 -9.91 11.13
CA PRO B 132 22.01 -11.09 10.29
C PRO B 132 22.74 -12.19 11.07
N SER B 133 22.61 -13.45 10.57
CA SER B 133 23.16 -14.75 10.98
C SER B 133 22.21 -15.57 11.85
N GLY B 140 25.77 -17.77 1.10
CA GLY B 140 25.67 -16.85 -0.04
C GLY B 140 24.86 -15.60 0.24
N THR B 141 23.54 -15.76 0.46
CA THR B 141 22.63 -14.64 0.73
C THR B 141 22.26 -14.60 2.21
N ALA B 142 22.33 -13.41 2.83
CA ALA B 142 21.96 -13.15 4.22
C ALA B 142 20.78 -12.17 4.28
N ALA B 143 20.00 -12.21 5.33
CA ALA B 143 18.91 -11.27 5.54
C ALA B 143 19.12 -10.53 6.85
N LEU B 144 18.73 -9.26 6.84
CA LEU B 144 18.77 -8.39 8.01
C LEU B 144 17.57 -7.46 7.91
N GLY B 145 17.27 -6.76 9.00
CA GLY B 145 16.15 -5.84 9.01
C GLY B 145 15.99 -4.99 10.26
N CYS B 146 14.84 -4.34 10.34
CA CYS B 146 14.46 -3.53 11.47
C CYS B 146 13.04 -3.85 11.81
N LEU B 147 12.74 -3.98 13.10
CA LEU B 147 11.39 -4.18 13.59
C LEU B 147 10.93 -2.82 14.15
N VAL B 148 9.87 -2.25 13.57
CA VAL B 148 9.32 -0.95 13.95
C VAL B 148 8.05 -1.29 14.71
N LYS B 149 8.16 -1.28 16.04
CA LYS B 149 7.12 -1.74 16.95
C LYS B 149 6.39 -0.65 17.73
N ASP B 150 5.10 -0.92 18.04
CA ASP B 150 4.23 -0.13 18.92
C ASP B 150 4.08 1.32 18.57
N TYR B 151 3.45 1.56 17.43
CA TYR B 151 3.18 2.90 16.95
C TYR B 151 1.73 3.06 16.54
N PHE B 152 1.27 4.32 16.49
CA PHE B 152 -0.07 4.76 16.16
C PHE B 152 -0.09 6.25 15.84
N PRO B 153 -0.78 6.70 14.76
CA PRO B 153 -1.45 5.87 13.74
C PRO B 153 -0.42 5.51 12.67
N GLU B 154 -0.90 4.95 11.57
CA GLU B 154 -0.12 4.71 10.36
C GLU B 154 0.06 6.14 9.72
N PRO B 155 1.03 6.40 8.82
CA PRO B 155 2.03 5.48 8.25
C PRO B 155 3.41 5.64 8.88
N VAL B 156 4.28 4.67 8.58
CA VAL B 156 5.69 4.67 8.93
C VAL B 156 6.40 4.50 7.59
N THR B 157 7.48 5.22 7.37
CA THR B 157 8.28 5.00 6.18
C THR B 157 9.60 4.38 6.60
N VAL B 158 10.14 3.47 5.77
CA VAL B 158 11.43 2.83 5.99
C VAL B 158 12.24 2.84 4.70
N SER B 159 13.49 3.33 4.77
CA SER B 159 14.43 3.27 3.68
C SER B 159 15.71 2.65 4.23
N TRP B 160 16.60 2.18 3.35
CA TRP B 160 17.85 1.59 3.77
C TRP B 160 18.94 2.39 3.17
N ASN B 161 19.95 2.71 4.02
CA ASN B 161 21.16 3.47 3.68
C ASN B 161 20.88 4.81 3.02
N SER B 162 19.89 5.54 3.58
CA SER B 162 19.38 6.85 3.13
C SER B 162 18.85 6.81 1.66
N GLY B 163 18.34 5.65 1.25
CA GLY B 163 17.83 5.46 -0.11
C GLY B 163 18.81 4.85 -1.10
N ALA B 164 20.09 4.66 -0.71
CA ALA B 164 21.11 4.04 -1.57
C ALA B 164 21.00 2.50 -1.67
N LEU B 165 20.21 1.88 -0.78
CA LEU B 165 19.99 0.45 -0.81
C LEU B 165 18.49 0.24 -1.06
N THR B 166 18.15 -0.24 -2.26
CA THR B 166 16.74 -0.49 -2.62
C THR B 166 16.52 -1.93 -3.09
N SER B 167 17.56 -2.55 -3.65
CA SER B 167 17.48 -3.92 -4.16
C SER B 167 17.42 -4.93 -3.01
N GLY B 168 16.39 -5.77 -3.06
CA GLY B 168 16.17 -6.84 -2.08
C GLY B 168 15.43 -6.40 -0.83
N VAL B 169 15.04 -5.14 -0.79
CA VAL B 169 14.31 -4.54 0.33
C VAL B 169 12.86 -4.95 0.26
N HIS B 170 12.31 -5.38 1.39
CA HIS B 170 10.89 -5.69 1.55
C HIS B 170 10.43 -5.02 2.86
N THR B 171 9.58 -3.99 2.75
CA THR B 171 8.96 -3.31 3.89
C THR B 171 7.54 -3.87 3.93
N PHE B 172 7.23 -4.60 4.98
CA PHE B 172 5.96 -5.28 5.12
C PHE B 172 4.79 -4.40 5.50
N PRO B 173 3.54 -4.76 5.09
CA PRO B 173 2.37 -4.02 5.60
C PRO B 173 2.38 -4.11 7.14
N ALA B 174 1.95 -3.04 7.82
CA ALA B 174 1.88 -3.06 9.30
C ALA B 174 0.76 -4.00 9.69
N VAL B 175 0.87 -4.61 10.87
CA VAL B 175 -0.18 -5.45 11.44
C VAL B 175 -0.65 -4.69 12.68
N LEU B 176 -1.98 -4.63 12.89
CA LEU B 176 -2.47 -4.01 14.11
C LEU B 176 -2.42 -5.08 15.20
N GLN B 177 -1.66 -4.82 16.27
CA GLN B 177 -1.58 -5.81 17.37
C GLN B 177 -2.82 -5.67 18.24
N SER B 178 -3.02 -6.66 19.14
CA SER B 178 -4.15 -6.76 20.09
C SER B 178 -4.24 -5.52 21.00
N SER B 179 -3.08 -4.87 21.26
CA SER B 179 -2.95 -3.64 22.05
C SER B 179 -3.52 -2.40 21.33
N GLY B 180 -3.81 -2.52 20.03
CA GLY B 180 -4.30 -1.41 19.21
C GLY B 180 -3.17 -0.57 18.65
N LEU B 181 -1.92 -1.07 18.79
CA LEU B 181 -0.69 -0.46 18.30
C LEU B 181 -0.20 -1.26 17.11
N TYR B 182 0.36 -0.56 16.12
CA TYR B 182 0.91 -1.17 14.91
C TYR B 182 2.32 -1.62 15.10
N SER B 183 2.74 -2.57 14.24
CA SER B 183 4.08 -3.12 14.22
C SER B 183 4.40 -3.56 12.80
N LEU B 184 5.61 -3.23 12.33
CA LEU B 184 6.07 -3.65 11.01
C LEU B 184 7.54 -4.00 11.02
N SER B 185 7.91 -4.90 10.12
CA SER B 185 9.28 -5.28 9.88
C SER B 185 9.67 -4.82 8.47
N SER B 186 10.93 -4.39 8.32
CA SER B 186 11.53 -4.06 7.03
C SER B 186 12.82 -4.85 6.95
N VAL B 187 12.99 -5.58 5.85
CA VAL B 187 14.14 -6.46 5.69
C VAL B 187 14.87 -6.21 4.38
N VAL B 188 16.14 -6.65 4.30
CA VAL B 188 16.93 -6.61 3.07
C VAL B 188 17.67 -7.92 2.97
N THR B 189 17.72 -8.51 1.77
CA THR B 189 18.57 -9.67 1.51
C THR B 189 19.84 -9.10 0.83
N VAL B 190 21.02 -9.43 1.39
CA VAL B 190 22.33 -8.91 0.96
C VAL B 190 23.35 -10.06 0.77
N PRO B 191 24.50 -9.84 0.07
CA PRO B 191 25.52 -10.91 0.00
C PRO B 191 26.11 -11.12 1.39
N SER B 192 26.21 -12.37 1.84
CA SER B 192 26.78 -12.64 3.17
C SER B 192 28.25 -12.24 3.26
N SER B 193 28.98 -12.22 2.12
CA SER B 193 30.37 -11.77 2.02
C SER B 193 30.52 -10.29 2.41
N SER B 194 29.45 -9.49 2.23
CA SER B 194 29.42 -8.06 2.56
C SER B 194 29.22 -7.75 4.06
N LEU B 195 28.83 -8.75 4.89
CA LEU B 195 28.48 -8.60 6.30
C LEU B 195 29.46 -7.92 7.28
N GLY B 196 30.75 -8.17 7.15
CA GLY B 196 31.69 -7.55 8.07
C GLY B 196 32.18 -6.18 7.64
N THR B 197 31.84 -5.77 6.42
CA THR B 197 32.39 -4.59 5.79
C THR B 197 31.42 -3.46 5.41
N GLN B 198 30.31 -3.80 4.74
CA GLN B 198 29.28 -2.85 4.32
C GLN B 198 28.33 -2.61 5.48
N THR B 199 28.08 -1.33 5.76
CA THR B 199 27.19 -0.80 6.79
C THR B 199 25.72 -0.75 6.29
N TYR B 200 24.80 -1.23 7.14
CA TYR B 200 23.37 -1.28 6.88
C TYR B 200 22.60 -0.51 7.92
N ILE B 201 21.91 0.52 7.46
CA ILE B 201 21.17 1.43 8.31
C ILE B 201 19.75 1.53 7.81
N CYS B 202 18.77 1.31 8.68
CA CYS B 202 17.39 1.50 8.29
C CYS B 202 16.99 2.88 8.82
N ASN B 203 16.33 3.66 7.94
CA ASN B 203 15.87 5.01 8.20
C ASN B 203 14.39 4.97 8.45
N VAL B 204 14.00 5.16 9.69
CA VAL B 204 12.61 5.09 10.11
C VAL B 204 12.06 6.49 10.33
N ASN B 205 10.84 6.71 9.82
CA ASN B 205 10.17 7.96 10.02
C ASN B 205 8.70 7.74 10.27
N HIS B 206 8.24 8.13 11.48
CA HIS B 206 6.85 8.13 11.90
C HIS B 206 6.49 9.63 12.12
N LYS B 207 6.05 10.31 11.03
CA LYS B 207 5.73 11.75 11.06
C LYS B 207 4.67 12.15 12.10
N PRO B 208 3.59 11.33 12.35
CA PRO B 208 2.60 11.70 13.39
C PRO B 208 3.14 12.00 14.79
N SER B 209 4.20 11.30 15.24
CA SER B 209 4.80 11.51 16.57
C SER B 209 6.13 12.27 16.48
N ASN B 210 6.53 12.60 15.25
CA ASN B 210 7.79 13.26 14.90
C ASN B 210 8.99 12.41 15.37
N THR B 211 8.90 11.08 15.11
CA THR B 211 9.90 10.08 15.46
C THR B 211 10.67 9.70 14.20
N LYS B 212 11.94 10.10 14.18
CA LYS B 212 12.88 9.79 13.11
C LYS B 212 14.03 9.05 13.78
N VAL B 213 14.38 7.88 13.26
CA VAL B 213 15.42 7.05 13.85
C VAL B 213 16.32 6.49 12.73
N ASP B 214 17.66 6.62 12.85
CA ASP B 214 18.61 5.97 11.95
C ASP B 214 19.28 4.86 12.76
N LYS B 215 18.92 3.60 12.46
CA LYS B 215 19.42 2.45 13.20
C LYS B 215 20.38 1.58 12.40
N ARG B 216 21.65 1.47 12.87
CA ARG B 216 22.67 0.62 12.23
CA ARG B 216 22.65 0.62 12.24
C ARG B 216 22.37 -0.81 12.68
N VAL B 217 22.32 -1.75 11.72
CA VAL B 217 22.04 -3.18 11.99
C VAL B 217 23.35 -3.93 11.79
N GLU B 218 23.92 -4.49 12.87
CA GLU B 218 25.19 -5.22 12.86
C GLU B 218 24.99 -6.74 13.03
N PRO B 219 25.92 -7.59 12.50
CA PRO B 219 25.74 -9.05 12.63
C PRO B 219 25.63 -9.63 14.04
N LYS B 220 26.37 -9.12 15.03
CA LYS B 220 26.23 -9.71 16.38
C LYS B 220 25.97 -8.71 17.51
N ALA C 2 -12.24 17.08 -16.54
CA ALA C 2 -13.08 16.48 -15.50
C ALA C 2 -14.30 15.79 -16.08
N GLU C 3 -15.47 16.05 -15.48
CA GLU C 3 -16.74 15.50 -15.92
C GLU C 3 -17.41 16.37 -17.02
N GLU C 4 -18.29 15.75 -17.85
CA GLU C 4 -19.04 16.32 -18.98
C GLU C 4 -18.17 17.05 -20.01
#